data_8B7X
#
_entry.id   8B7X
#
_cell.length_a   32.519
_cell.length_b   35.725
_cell.length_c   52.290
_cell.angle_alpha   81.566
_cell.angle_beta   83.242
_cell.angle_gamma   65.060
#
_symmetry.space_group_name_H-M   'P 1'
#
loop_
_entity.id
_entity.type
_entity.pdbx_description
1 polymer 'Siderophore ABC transporter substrate-binding protein'
2 non-polymer "O-(O-(2-AMINOPROPYL)-O'-(2-METHOXYETHYL)POLYPROPYLENE GLYCOL 500)"
3 non-polymer 'SULFATE ION'
4 water water
#
_entity_poly.entity_id   1
_entity_poly.type   'polypeptide(L)'
_entity_poly.pdbx_seq_one_letter_code
;CGNKENASNGASGKNDEKKTEQAEEMTIKHQLGEAKVKKNPEKVVVFDFGVLDTLDKLGVKVTALPQMNVPKYLEKYKSS
DYQNVGSLMEPDFEKLSEIKPDVIFISGRQANLYDKLKEIGPTVYIGIDTQHYWDSFTNNMKLIGQMFGKEKEVDEELAN
IEKQIEEVKTKAADKKALIILTTGGKVSAYGKGSRFGLIHDVLGVPAADPNLKVTNPHGQSVSFEYIAEKNPDYLFVIDR
DAVVEGKPTAKQTIENALVKKTKAYQNGHIVYLDPNYWYLSGGGLTSVSEMIKQVEEGLK
;
_entity_poly.pdbx_strand_id   A
#
# COMPACT_ATOMS: atom_id res chain seq x y z
N GLU A 25 24.85 -13.72 -8.54
CA GLU A 25 24.60 -12.29 -8.19
C GLU A 25 23.62 -11.70 -9.20
N MET A 26 22.76 -10.82 -8.69
CA MET A 26 21.73 -10.15 -9.49
C MET A 26 22.03 -8.65 -9.52
N THR A 27 21.84 -8.02 -10.68
CA THR A 27 21.98 -6.56 -10.79
C THR A 27 20.60 -5.94 -10.97
N ILE A 28 20.21 -5.06 -10.02
CA ILE A 28 18.84 -4.56 -9.98
C ILE A 28 18.82 -3.04 -10.23
N LYS A 29 18.15 -2.63 -11.31
CA LYS A 29 17.90 -1.22 -11.61
C LYS A 29 16.55 -0.82 -11.02
N HIS A 30 16.53 0.25 -10.20
CA HIS A 30 15.28 0.72 -9.62
C HIS A 30 15.20 2.24 -9.73
N GLN A 31 14.02 2.79 -9.40
CA GLN A 31 13.72 4.22 -9.51
C GLN A 31 14.86 5.07 -8.95
N LEU A 32 15.54 4.63 -7.88
CA LEU A 32 16.51 5.48 -7.17
C LEU A 32 17.93 5.18 -7.56
N GLY A 33 18.20 4.10 -8.27
CA GLY A 33 19.57 3.77 -8.62
C GLY A 33 19.68 2.31 -9.02
N GLU A 34 20.66 1.61 -8.45
CA GLU A 34 21.00 0.26 -8.85
C GLU A 34 21.65 -0.42 -7.66
N ALA A 35 21.35 -1.72 -7.50
CA ALA A 35 21.81 -2.58 -6.42
C ALA A 35 22.29 -3.93 -6.98
N LYS A 36 23.14 -4.62 -6.20
CA LYS A 36 23.72 -5.92 -6.53
C LYS A 36 23.45 -6.89 -5.38
N VAL A 37 22.72 -7.98 -5.66
CA VAL A 37 22.22 -8.89 -4.63
C VAL A 37 22.52 -10.33 -5.06
N LYS A 38 23.09 -11.11 -4.13
CA LYS A 38 23.13 -12.56 -4.23
C LYS A 38 21.71 -13.12 -4.39
N LYS A 39 21.55 -14.10 -5.28
CA LYS A 39 20.29 -14.85 -5.36
C LYS A 39 20.13 -15.69 -4.09
N ASN A 40 18.87 -15.84 -3.66
CA ASN A 40 18.54 -16.54 -2.42
C ASN A 40 19.33 -15.91 -1.26
N PRO A 41 19.16 -14.60 -1.03
CA PRO A 41 19.72 -13.96 0.14
C PRO A 41 19.07 -14.52 1.40
N GLU A 42 19.91 -14.78 2.40
CA GLU A 42 19.53 -15.43 3.65
C GLU A 42 19.07 -14.41 4.68
N LYS A 43 19.75 -13.25 4.72
CA LYS A 43 19.49 -12.20 5.70
C LYS A 43 18.74 -11.06 5.01
N VAL A 44 17.40 -11.16 5.06
CA VAL A 44 16.50 -10.28 4.36
C VAL A 44 15.87 -9.31 5.34
N VAL A 45 16.04 -8.01 5.04
CA VAL A 45 15.51 -6.93 5.84
C VAL A 45 14.47 -6.18 5.02
N VAL A 46 13.30 -5.90 5.62
CA VAL A 46 12.18 -5.38 4.88
C VAL A 46 11.59 -4.17 5.58
N PHE A 47 11.53 -3.05 4.86
CA PHE A 47 10.95 -1.82 5.36
C PHE A 47 9.67 -1.46 4.63
N ASP A 48 9.27 -2.29 3.66
CA ASP A 48 8.02 -2.09 2.94
C ASP A 48 7.10 -3.27 3.27
N PHE A 49 5.88 -2.99 3.72
CA PHE A 49 5.03 -4.08 4.21
C PHE A 49 4.38 -4.83 3.06
N GLY A 50 4.26 -4.22 1.88
CA GLY A 50 3.83 -5.00 0.70
C GLY A 50 4.83 -6.09 0.35
N VAL A 51 6.10 -5.78 0.38
CA VAL A 51 7.13 -6.77 0.15
C VAL A 51 7.11 -7.83 1.26
N LEU A 52 6.99 -7.38 2.51
CA LEU A 52 6.88 -8.31 3.62
C LEU A 52 5.73 -9.30 3.39
N ASP A 53 4.57 -8.83 2.94
CA ASP A 53 3.47 -9.78 2.78
C ASP A 53 3.71 -10.65 1.55
N THR A 54 4.44 -10.16 0.56
CA THR A 54 4.83 -11.01 -0.55
C THR A 54 5.77 -12.14 -0.08
N LEU A 55 6.81 -11.81 0.68
CA LEU A 55 7.73 -12.82 1.18
C LEU A 55 6.96 -13.83 2.03
N ASP A 56 6.02 -13.36 2.84
CA ASP A 56 5.23 -14.26 3.67
C ASP A 56 4.42 -15.22 2.78
N LYS A 57 3.82 -14.70 1.72
CA LYS A 57 3.00 -15.48 0.79
C LYS A 57 3.84 -16.60 0.18
N LEU A 58 5.10 -16.28 -0.16
CA LEU A 58 6.00 -17.17 -0.87
C LEU A 58 6.79 -18.08 0.07
N GLY A 59 6.65 -17.88 1.39
CA GLY A 59 7.35 -18.64 2.41
C GLY A 59 8.86 -18.37 2.47
N VAL A 60 9.24 -17.11 2.25
CA VAL A 60 10.63 -16.71 2.27
C VAL A 60 10.98 -16.23 3.67
N LYS A 61 12.09 -16.74 4.21
CA LYS A 61 12.52 -16.45 5.57
C LYS A 61 12.94 -14.98 5.66
N VAL A 62 12.38 -14.27 6.65
CA VAL A 62 12.67 -12.86 6.89
C VAL A 62 13.53 -12.75 8.15
N THR A 63 14.51 -11.83 8.14
CA THR A 63 15.41 -11.65 9.28
C THR A 63 14.92 -10.49 10.15
N ALA A 64 14.54 -9.36 9.55
CA ALA A 64 14.19 -8.19 10.34
C ALA A 64 13.24 -7.24 9.61
N LEU A 65 12.62 -6.36 10.42
CA LEU A 65 11.70 -5.36 9.94
C LEU A 65 11.51 -4.34 11.05
N PRO A 66 11.01 -3.13 10.71
CA PRO A 66 10.55 -2.16 11.72
C PRO A 66 9.27 -2.62 12.42
N GLN A 67 9.37 -2.85 13.73
CA GLN A 67 8.24 -3.44 14.43
C GLN A 67 7.50 -2.40 15.26
N MET A 68 7.84 -1.10 15.17
CA MET A 68 7.16 -0.12 16.00
C MET A 68 5.68 -0.13 15.66
N ASN A 69 5.36 -0.21 14.35
CA ASN A 69 3.98 -0.30 13.93
C ASN A 69 3.85 -1.29 12.77
N VAL A 70 3.19 -2.43 13.02
CA VAL A 70 3.09 -3.51 12.04
C VAL A 70 1.61 -3.64 11.66
N PRO A 71 1.25 -3.84 10.37
CA PRO A 71 -0.15 -4.00 10.00
C PRO A 71 -0.72 -5.26 10.67
N LYS A 72 -1.98 -5.18 11.06
CA LYS A 72 -2.59 -6.32 11.77
C LYS A 72 -2.39 -7.63 11.01
N TYR A 73 -2.66 -7.62 9.69
CA TYR A 73 -2.57 -8.83 8.89
C TYR A 73 -1.17 -9.43 8.90
N LEU A 74 -0.15 -8.65 9.32
CA LEU A 74 1.24 -9.07 9.35
C LEU A 74 1.81 -9.19 10.75
N GLU A 75 0.95 -9.33 11.77
CA GLU A 75 1.39 -9.36 13.16
C GLU A 75 2.25 -10.58 13.53
N LYS A 76 2.24 -11.66 12.72
CA LYS A 76 3.29 -12.67 12.82
C LYS A 76 4.65 -12.03 13.01
N TYR A 77 4.90 -10.95 12.25
CA TYR A 77 6.24 -10.39 12.18
C TYR A 77 6.52 -9.40 13.31
N LYS A 78 5.54 -9.11 14.18
CA LYS A 78 5.75 -8.33 15.39
C LYS A 78 6.43 -9.15 16.50
N SER A 79 6.60 -10.44 16.24
CA SER A 79 7.19 -11.42 17.14
C SER A 79 8.68 -11.20 17.37
N SER A 80 9.15 -11.71 18.50
CA SER A 80 10.57 -11.91 18.80
C SER A 80 11.23 -12.94 17.87
N ASP A 81 10.50 -13.61 16.98
CA ASP A 81 11.17 -14.46 16.00
C ASP A 81 11.99 -13.58 15.06
N TYR A 82 11.68 -12.27 15.01
CA TYR A 82 12.28 -11.37 14.05
C TYR A 82 13.01 -10.27 14.79
N GLN A 83 14.08 -9.75 14.17
CA GLN A 83 14.80 -8.65 14.77
C GLN A 83 14.04 -7.36 14.46
N ASN A 84 14.08 -6.45 15.44
CA ASN A 84 13.40 -5.17 15.36
C ASN A 84 14.40 -4.11 14.86
N VAL A 85 14.22 -3.63 13.63
CA VAL A 85 15.15 -2.62 13.09
C VAL A 85 14.50 -1.23 13.00
N GLY A 86 13.53 -0.97 13.87
CA GLY A 86 13.10 0.39 14.17
C GLY A 86 11.66 0.67 13.78
N SER A 87 11.47 1.86 13.19
CA SER A 87 10.18 2.31 12.67
C SER A 87 10.32 2.51 11.16
N LEU A 88 9.19 2.80 10.47
CA LEU A 88 9.14 2.92 9.01
C LEU A 88 10.00 4.10 8.58
N MET A 89 10.02 5.14 9.42
CA MET A 89 10.67 6.39 9.09
C MET A 89 12.04 6.50 9.78
N GLU A 90 12.29 5.67 10.81
CA GLU A 90 13.54 5.74 11.56
C GLU A 90 14.14 4.35 11.78
N PRO A 91 14.93 3.84 10.82
CA PRO A 91 15.65 2.59 11.03
C PRO A 91 16.62 2.64 12.21
N ASP A 92 16.81 1.48 12.83
CA ASP A 92 17.90 1.29 13.78
C ASP A 92 19.17 0.89 13.03
N PHE A 93 20.00 1.88 12.71
CA PHE A 93 21.14 1.66 11.83
C PHE A 93 22.19 0.78 12.51
N GLU A 94 22.33 0.88 13.84
CA GLU A 94 23.29 0.06 14.56
C GLU A 94 22.90 -1.41 14.49
N LYS A 95 21.63 -1.71 14.77
CA LYS A 95 21.16 -3.09 14.78
C LYS A 95 21.27 -3.68 13.38
N LEU A 96 21.06 -2.83 12.36
CA LEU A 96 21.32 -3.20 10.98
C LEU A 96 22.79 -3.56 10.75
N SER A 97 23.74 -2.79 11.33
CA SER A 97 25.16 -3.10 11.18
C SER A 97 25.52 -4.44 11.83
N GLU A 98 24.73 -4.85 12.84
CA GLU A 98 24.93 -6.09 13.57
C GLU A 98 24.43 -7.28 12.74
N ILE A 99 23.49 -7.04 11.81
CA ILE A 99 22.95 -8.11 10.97
C ILE A 99 23.84 -8.30 9.74
N LYS A 100 24.21 -7.16 9.13
CA LYS A 100 24.88 -7.10 7.83
C LYS A 100 23.99 -7.77 6.78
N PRO A 101 22.87 -7.13 6.37
CA PRO A 101 21.88 -7.77 5.49
C PRO A 101 22.42 -8.10 4.10
N ASP A 102 21.94 -9.23 3.56
CA ASP A 102 22.13 -9.60 2.17
C ASP A 102 21.31 -8.68 1.28
N VAL A 103 20.15 -8.21 1.77
CA VAL A 103 19.31 -7.25 1.05
C VAL A 103 18.43 -6.48 2.04
N ILE A 104 18.23 -5.20 1.69
CA ILE A 104 17.32 -4.30 2.38
C ILE A 104 16.33 -3.76 1.37
N PHE A 105 15.06 -4.12 1.57
CA PHE A 105 13.97 -3.61 0.74
C PHE A 105 13.36 -2.35 1.36
N ILE A 106 13.23 -1.30 0.55
CA ILE A 106 12.70 -0.03 1.02
C ILE A 106 11.67 0.46 0.01
N SER A 107 10.82 1.39 0.43
CA SER A 107 9.93 2.04 -0.52
C SER A 107 9.88 3.53 -0.19
N GLY A 108 8.74 4.20 -0.47
CA GLY A 108 8.67 5.66 -0.43
C GLY A 108 9.07 6.23 0.93
N ARG A 109 8.65 5.59 2.03
CA ARG A 109 8.83 6.22 3.35
C ARG A 109 10.31 6.36 3.71
N GLN A 110 11.16 5.58 3.02
CA GLN A 110 12.59 5.57 3.31
C GLN A 110 13.42 6.08 2.11
N ALA A 111 12.81 6.68 1.08
CA ALA A 111 13.54 7.07 -0.13
C ALA A 111 14.59 8.11 0.20
N ASN A 112 14.27 8.97 1.16
CA ASN A 112 15.13 10.08 1.58
C ASN A 112 16.32 9.56 2.37
N LEU A 113 16.27 8.29 2.79
CA LEU A 113 17.35 7.64 3.52
C LEU A 113 18.10 6.64 2.64
N TYR A 114 17.87 6.66 1.32
CA TYR A 114 18.48 5.71 0.39
C TYR A 114 20.00 5.62 0.61
N ASP A 115 20.65 6.78 0.76
CA ASP A 115 22.11 6.81 0.76
C ASP A 115 22.69 6.21 2.05
N LYS A 116 22.02 6.45 3.18
CA LYS A 116 22.48 5.96 4.48
C LYS A 116 22.33 4.44 4.56
N LEU A 117 21.22 3.91 4.01
CA LEU A 117 20.96 2.48 4.11
C LEU A 117 21.94 1.72 3.20
N LYS A 118 22.22 2.32 2.03
CA LYS A 118 23.03 1.74 0.97
C LYS A 118 24.45 1.48 1.48
N GLU A 119 24.86 2.29 2.46
CA GLU A 119 26.11 2.18 3.19
C GLU A 119 26.21 0.86 3.96
N ILE A 120 25.08 0.29 4.43
CA ILE A 120 25.11 -0.86 5.32
C ILE A 120 24.96 -2.17 4.55
N GLY A 121 24.08 -2.18 3.54
CA GLY A 121 23.88 -3.38 2.74
C GLY A 121 23.17 -3.11 1.42
N PRO A 122 23.13 -4.13 0.50
CA PRO A 122 22.44 -3.97 -0.78
C PRO A 122 21.02 -3.49 -0.50
N THR A 123 20.64 -2.41 -1.19
CA THR A 123 19.37 -1.73 -0.91
C THR A 123 18.60 -1.57 -2.20
N VAL A 124 17.36 -2.10 -2.18
CA VAL A 124 16.48 -2.12 -3.34
C VAL A 124 15.25 -1.29 -3.03
N TYR A 125 15.02 -0.23 -3.81
CA TYR A 125 13.77 0.52 -3.80
C TYR A 125 12.70 -0.29 -4.53
N ILE A 126 11.55 -0.46 -3.87
CA ILE A 126 10.49 -1.28 -4.44
C ILE A 126 9.15 -0.66 -4.08
N GLY A 127 9.02 0.65 -4.28
CA GLY A 127 7.73 1.32 -4.29
C GLY A 127 7.04 1.17 -5.65
N ILE A 128 5.74 1.46 -5.68
CA ILE A 128 4.94 1.45 -6.90
C ILE A 128 4.98 2.82 -7.57
N ASP A 129 4.99 2.80 -8.91
CA ASP A 129 4.70 3.97 -9.73
C ASP A 129 3.18 4.08 -9.91
N THR A 130 2.59 5.04 -9.19
CA THR A 130 1.15 5.27 -9.15
C THR A 130 0.57 5.61 -10.52
N GLN A 131 1.40 6.08 -11.45
CA GLN A 131 0.95 6.42 -12.79
C GLN A 131 0.89 5.19 -13.68
N HIS A 132 1.55 4.12 -13.23
CA HIS A 132 1.60 2.84 -13.93
C HIS A 132 1.49 1.71 -12.90
N TYR A 133 0.41 1.74 -12.11
CA TYR A 133 0.34 0.92 -10.91
C TYR A 133 0.54 -0.56 -11.28
N TRP A 134 -0.22 -1.07 -12.26
CA TRP A 134 -0.22 -2.50 -12.50
C TRP A 134 1.16 -2.95 -13.01
N ASP A 135 1.75 -2.17 -13.92
CA ASP A 135 3.00 -2.55 -14.56
C ASP A 135 4.14 -2.53 -13.54
N SER A 136 4.08 -1.54 -12.63
CA SER A 136 5.10 -1.37 -11.61
C SER A 136 5.03 -2.46 -10.54
N PHE A 137 3.80 -2.78 -10.13
CA PHE A 137 3.55 -3.88 -9.20
C PHE A 137 4.03 -5.20 -9.79
N THR A 138 3.65 -5.44 -11.06
CA THR A 138 4.05 -6.66 -11.76
C THR A 138 5.58 -6.74 -11.78
N ASN A 139 6.27 -5.66 -12.22
CA ASN A 139 7.73 -5.64 -12.25
C ASN A 139 8.31 -5.94 -10.86
N ASN A 140 7.75 -5.32 -9.82
CA ASN A 140 8.27 -5.47 -8.46
C ASN A 140 8.14 -6.93 -7.99
N MET A 141 7.01 -7.56 -8.33
CA MET A 141 6.73 -8.90 -7.82
C MET A 141 7.60 -9.88 -8.61
N LYS A 142 7.85 -9.61 -9.89
CA LYS A 142 8.69 -10.49 -10.70
C LYS A 142 10.15 -10.40 -10.24
N LEU A 143 10.62 -9.22 -9.80
CA LEU A 143 11.95 -9.11 -9.20
C LEU A 143 12.07 -10.00 -7.96
N ILE A 144 11.07 -9.94 -7.08
CA ILE A 144 11.07 -10.80 -5.90
C ILE A 144 11.09 -12.28 -6.30
N GLY A 145 10.25 -12.66 -7.27
CA GLY A 145 10.26 -14.01 -7.81
C GLY A 145 11.65 -14.46 -8.25
N GLN A 146 12.31 -13.59 -9.05
CA GLN A 146 13.62 -13.92 -9.56
C GLN A 146 14.60 -14.12 -8.41
N MET A 147 14.58 -13.18 -7.44
CA MET A 147 15.55 -13.17 -6.37
C MET A 147 15.49 -14.42 -5.48
N PHE A 148 14.30 -15.02 -5.32
CA PHE A 148 14.13 -16.12 -4.39
C PHE A 148 13.77 -17.45 -5.05
N GLY A 149 13.84 -17.51 -6.37
CA GLY A 149 13.57 -18.77 -7.06
C GLY A 149 12.09 -19.14 -6.99
N LYS A 150 11.21 -18.15 -7.11
CA LYS A 150 9.76 -18.26 -6.94
C LYS A 150 9.05 -17.65 -8.16
N GLU A 151 9.73 -17.70 -9.31
CA GLU A 151 9.28 -17.02 -10.54
C GLU A 151 7.88 -17.48 -10.97
N LYS A 152 7.67 -18.80 -11.13
CA LYS A 152 6.41 -19.25 -11.69
C LYS A 152 5.28 -19.08 -10.68
N GLU A 153 5.60 -19.21 -9.38
CA GLU A 153 4.60 -19.02 -8.35
C GLU A 153 4.11 -17.57 -8.35
N VAL A 154 5.04 -16.61 -8.49
CA VAL A 154 4.63 -15.22 -8.56
C VAL A 154 3.76 -14.95 -9.79
N ASP A 155 4.20 -15.44 -10.97
CA ASP A 155 3.46 -15.32 -12.22
C ASP A 155 2.01 -15.80 -12.01
N GLU A 156 1.81 -16.93 -11.29
N GLU A 156 1.81 -16.95 -11.32
CA GLU A 156 0.46 -17.46 -11.11
CA GLU A 156 0.47 -17.46 -11.08
C GLU A 156 -0.34 -16.61 -10.12
C GLU A 156 -0.33 -16.56 -10.15
N GLU A 157 0.30 -16.11 -9.05
CA GLU A 157 -0.38 -15.23 -8.11
C GLU A 157 -0.75 -13.89 -8.76
N LEU A 158 0.04 -13.40 -9.72
CA LEU A 158 -0.34 -12.17 -10.41
C LEU A 158 -1.59 -12.40 -11.27
N ALA A 159 -1.62 -13.56 -11.96
CA ALA A 159 -2.79 -13.90 -12.73
C ALA A 159 -4.05 -13.99 -11.87
N ASN A 160 -3.92 -14.55 -10.67
CA ASN A 160 -5.08 -14.69 -9.79
C ASN A 160 -5.60 -13.33 -9.33
N ILE A 161 -4.67 -12.36 -9.14
CA ILE A 161 -5.09 -11.01 -8.81
C ILE A 161 -5.78 -10.37 -10.01
N GLU A 162 -5.27 -10.64 -11.22
CA GLU A 162 -5.89 -10.13 -12.42
C GLU A 162 -7.33 -10.65 -12.56
N LYS A 163 -7.58 -11.91 -12.15
CA LYS A 163 -8.95 -12.41 -12.16
C LYS A 163 -9.85 -11.55 -11.28
N GLN A 164 -9.31 -11.05 -10.14
CA GLN A 164 -10.10 -10.17 -9.29
C GLN A 164 -10.40 -8.85 -10.00
N ILE A 165 -9.36 -8.28 -10.62
CA ILE A 165 -9.44 -7.00 -11.31
C ILE A 165 -10.53 -7.03 -12.39
N GLU A 166 -10.49 -8.04 -13.29
CA GLU A 166 -11.45 -8.08 -14.38
C GLU A 166 -12.89 -8.17 -13.88
N GLU A 167 -13.13 -8.89 -12.77
CA GLU A 167 -14.49 -8.96 -12.24
C GLU A 167 -14.90 -7.61 -11.66
N VAL A 168 -14.03 -7.03 -10.84
CA VAL A 168 -14.37 -5.77 -10.17
C VAL A 168 -14.62 -4.65 -11.18
N LYS A 169 -13.91 -4.61 -12.31
CA LYS A 169 -14.14 -3.56 -13.30
C LYS A 169 -15.59 -3.51 -13.76
N THR A 170 -16.29 -4.64 -13.75
CA THR A 170 -17.67 -4.69 -14.23
C THR A 170 -18.63 -4.15 -13.17
N LYS A 171 -18.29 -4.39 -11.89
CA LYS A 171 -19.11 -3.94 -10.77
C LYS A 171 -18.87 -2.44 -10.55
N ALA A 172 -17.73 -1.97 -11.04
CA ALA A 172 -17.27 -0.60 -10.83
C ALA A 172 -17.96 0.35 -11.82
N ALA A 173 -18.43 -0.20 -12.95
CA ALA A 173 -18.97 0.61 -14.04
C ALA A 173 -20.08 1.54 -13.56
N ASP A 174 -19.94 2.85 -13.87
CA ASP A 174 -20.98 3.85 -13.74
C ASP A 174 -21.17 4.32 -12.29
N LYS A 175 -20.22 3.99 -11.41
CA LYS A 175 -20.36 4.29 -10.00
C LYS A 175 -19.33 5.34 -9.59
N LYS A 176 -19.75 6.63 -9.55
CA LYS A 176 -18.78 7.69 -9.32
C LYS A 176 -18.30 7.64 -7.86
N ALA A 177 -16.99 7.63 -7.67
CA ALA A 177 -16.42 7.48 -6.34
C ALA A 177 -15.46 8.62 -6.03
N LEU A 178 -15.35 8.86 -4.73
CA LEU A 178 -14.30 9.72 -4.20
C LEU A 178 -13.51 8.94 -3.15
N ILE A 179 -12.18 9.14 -3.13
CA ILE A 179 -11.32 8.48 -2.17
C ILE A 179 -10.83 9.52 -1.17
N ILE A 180 -11.08 9.30 0.12
CA ILE A 180 -10.63 10.18 1.17
C ILE A 180 -9.85 9.46 2.26
N LEU A 181 -8.90 10.24 2.83
CA LEU A 181 -8.18 9.84 4.01
C LEU A 181 -8.60 10.77 5.13
N THR A 182 -8.90 10.18 6.31
CA THR A 182 -9.32 10.97 7.45
C THR A 182 -8.30 10.85 8.57
N THR A 183 -8.07 12.00 9.20
CA THR A 183 -7.25 12.09 10.40
C THR A 183 -7.71 13.30 11.20
N GLY A 184 -7.89 13.11 12.52
CA GLY A 184 -8.15 14.21 13.43
C GLY A 184 -9.42 14.98 13.07
N GLY A 185 -10.38 14.30 12.44
CA GLY A 185 -11.68 14.90 12.15
C GLY A 185 -11.68 15.64 10.81
N LYS A 186 -10.58 15.52 10.06
CA LYS A 186 -10.38 16.28 8.84
C LYS A 186 -10.05 15.31 7.71
N VAL A 187 -9.95 15.83 6.46
CA VAL A 187 -9.86 14.96 5.30
C VAL A 187 -8.95 15.48 4.18
N SER A 188 -8.37 14.53 3.44
CA SER A 188 -7.73 14.80 2.17
C SER A 188 -8.33 13.86 1.12
N ALA A 189 -8.17 14.22 -0.15
CA ALA A 189 -8.75 13.45 -1.26
C ALA A 189 -7.67 12.96 -2.21
N TYR A 190 -7.96 11.85 -2.88
CA TYR A 190 -7.07 11.28 -3.86
C TYR A 190 -7.88 10.88 -5.08
N GLY A 191 -7.27 10.96 -6.27
CA GLY A 191 -7.96 10.52 -7.48
C GLY A 191 -7.04 9.70 -8.38
N LYS A 192 -7.27 9.84 -9.69
CA LYS A 192 -6.49 9.16 -10.71
C LYS A 192 -5.00 9.43 -10.51
N GLY A 193 -4.18 8.39 -10.63
CA GLY A 193 -2.73 8.49 -10.63
C GLY A 193 -2.10 8.79 -9.27
N SER A 194 -2.88 8.83 -8.21
CA SER A 194 -2.42 9.11 -6.87
C SER A 194 -2.06 7.83 -6.14
N ARG A 195 -1.60 7.98 -4.90
CA ARG A 195 -1.30 6.85 -4.02
C ARG A 195 -2.40 5.79 -4.04
N PHE A 196 -3.65 6.23 -4.10
CA PHE A 196 -4.80 5.31 -4.07
C PHE A 196 -5.54 5.29 -5.41
N GLY A 197 -4.86 5.71 -6.48
CA GLY A 197 -5.48 5.82 -7.80
C GLY A 197 -5.89 4.48 -8.39
N LEU A 198 -5.35 3.37 -7.85
CA LEU A 198 -5.70 2.06 -8.40
C LEU A 198 -7.20 1.80 -8.36
N ILE A 199 -7.93 2.38 -7.40
CA ILE A 199 -9.38 2.28 -7.39
C ILE A 199 -9.97 2.71 -8.72
N HIS A 200 -9.43 3.78 -9.33
CA HIS A 200 -9.94 4.30 -10.59
C HIS A 200 -9.19 3.68 -11.78
N ASP A 201 -7.86 3.58 -11.64
CA ASP A 201 -6.99 3.34 -12.78
C ASP A 201 -6.93 1.84 -13.06
N VAL A 202 -6.97 1.01 -12.00
CA VAL A 202 -6.83 -0.42 -12.16
C VAL A 202 -8.21 -1.09 -12.07
N LEU A 203 -9.06 -0.65 -11.13
CA LEU A 203 -10.35 -1.31 -10.90
C LEU A 203 -11.49 -0.63 -11.64
N GLY A 204 -11.19 0.44 -12.40
CA GLY A 204 -12.14 1.02 -13.33
C GLY A 204 -13.32 1.68 -12.64
N VAL A 205 -13.16 2.12 -11.39
CA VAL A 205 -14.20 2.93 -10.74
C VAL A 205 -14.14 4.35 -11.29
N PRO A 206 -15.21 4.91 -11.89
CA PRO A 206 -15.18 6.31 -12.32
C PRO A 206 -14.95 7.31 -11.19
N ALA A 207 -14.22 8.39 -11.49
CA ALA A 207 -13.88 9.40 -10.51
C ALA A 207 -14.99 10.46 -10.42
N ALA A 208 -15.46 10.73 -9.19
CA ALA A 208 -16.40 11.81 -8.95
C ALA A 208 -15.77 13.15 -9.29
N ASP A 209 -14.44 13.27 -9.18
CA ASP A 209 -13.75 14.45 -9.66
C ASP A 209 -12.63 14.07 -10.63
N PRO A 210 -12.90 14.09 -11.97
CA PRO A 210 -11.88 13.76 -12.97
C PRO A 210 -10.74 14.75 -13.12
N ASN A 211 -10.87 15.95 -12.54
CA ASN A 211 -9.83 16.97 -12.68
C ASN A 211 -8.99 17.03 -11.40
N LEU A 212 -9.19 16.05 -10.50
CA LEU A 212 -8.40 15.98 -9.27
C LEU A 212 -7.12 15.17 -9.54
N LYS A 213 -6.00 15.91 -9.68
CA LYS A 213 -4.71 15.32 -9.94
C LYS A 213 -3.87 15.49 -8.67
N VAL A 214 -3.55 14.38 -8.01
CA VAL A 214 -2.92 14.37 -6.70
C VAL A 214 -1.66 13.53 -6.74
N THR A 215 -0.56 14.08 -6.21
CA THR A 215 0.69 13.38 -6.06
C THR A 215 1.19 13.44 -4.62
N ASN A 216 0.59 14.29 -3.78
CA ASN A 216 0.92 14.32 -2.36
C ASN A 216 0.62 12.92 -1.78
N PRO A 217 1.58 12.22 -1.14
CA PRO A 217 1.26 10.94 -0.49
C PRO A 217 0.17 11.07 0.56
N HIS A 218 -0.02 12.27 1.10
CA HIS A 218 -0.95 12.50 2.20
C HIS A 218 -2.29 12.97 1.66
N GLY A 219 -2.42 13.00 0.33
CA GLY A 219 -3.65 13.45 -0.30
C GLY A 219 -3.72 14.97 -0.43
N GLN A 220 -4.68 15.44 -1.22
CA GLN A 220 -5.00 16.86 -1.32
C GLN A 220 -5.93 17.26 -0.18
N SER A 221 -5.52 18.20 0.68
CA SER A 221 -6.39 18.67 1.72
C SER A 221 -7.66 19.23 1.09
N VAL A 222 -8.83 18.83 1.61
CA VAL A 222 -10.12 19.29 1.10
C VAL A 222 -11.05 19.52 2.28
N SER A 223 -12.17 20.19 2.00
CA SER A 223 -13.26 20.43 2.94
C SER A 223 -14.37 19.39 2.80
N PHE A 224 -15.26 19.34 3.80
CA PHE A 224 -16.44 18.50 3.67
C PHE A 224 -17.38 19.10 2.61
N GLU A 225 -17.39 20.42 2.50
CA GLU A 225 -18.09 21.12 1.42
C GLU A 225 -17.70 20.55 0.04
N TYR A 226 -16.41 20.25 -0.18
CA TYR A 226 -15.95 19.75 -1.46
C TYR A 226 -16.54 18.36 -1.70
N ILE A 227 -16.56 17.54 -0.66
CA ILE A 227 -17.10 16.17 -0.74
C ILE A 227 -18.58 16.25 -1.05
N ALA A 228 -19.30 17.13 -0.31
CA ALA A 228 -20.74 17.26 -0.45
C ALA A 228 -21.08 17.72 -1.88
N GLU A 229 -20.29 18.66 -2.39
CA GLU A 229 -20.50 19.25 -3.69
C GLU A 229 -20.21 18.22 -4.78
N LYS A 230 -19.22 17.38 -4.55
CA LYS A 230 -18.91 16.32 -5.50
C LYS A 230 -20.00 15.24 -5.46
N ASN A 231 -20.59 15.04 -4.27
CA ASN A 231 -21.72 14.15 -4.02
C ASN A 231 -21.46 12.83 -4.76
N PRO A 232 -20.42 12.07 -4.37
CA PRO A 232 -20.12 10.79 -5.00
C PRO A 232 -21.18 9.76 -4.67
N ASP A 233 -21.37 8.80 -5.60
CA ASP A 233 -22.14 7.59 -5.35
C ASP A 233 -21.50 6.74 -4.27
N TYR A 234 -20.16 6.64 -4.31
CA TYR A 234 -19.42 5.88 -3.33
C TYR A 234 -18.35 6.77 -2.70
N LEU A 235 -18.12 6.53 -1.42
CA LEU A 235 -17.05 7.19 -0.71
C LEU A 235 -16.15 6.16 -0.03
N PHE A 236 -14.92 6.05 -0.56
CA PHE A 236 -13.94 5.17 0.02
C PHE A 236 -13.16 5.94 1.07
N VAL A 237 -13.10 5.39 2.28
CA VAL A 237 -12.54 6.16 3.41
C VAL A 237 -11.43 5.34 4.05
N ILE A 238 -10.28 5.94 4.27
CA ILE A 238 -9.11 5.33 4.86
C ILE A 238 -8.80 6.06 6.17
N ASP A 239 -8.96 5.37 7.31
CA ASP A 239 -8.82 5.97 8.62
C ASP A 239 -7.37 5.91 9.08
N ARG A 240 -6.63 7.00 8.86
CA ARG A 240 -5.24 7.00 9.33
C ARG A 240 -5.15 6.69 10.85
N ASP A 241 -6.05 7.28 11.66
CA ASP A 241 -5.85 7.38 13.10
C ASP A 241 -6.06 6.01 13.74
N ALA A 242 -6.78 5.14 13.02
CA ALA A 242 -6.98 3.78 13.49
C ALA A 242 -5.63 3.04 13.64
N VAL A 243 -4.66 3.36 12.79
CA VAL A 243 -3.40 2.64 12.77
C VAL A 243 -2.27 3.45 13.41
N VAL A 244 -2.28 4.79 13.27
CA VAL A 244 -1.17 5.61 13.73
C VAL A 244 -1.28 5.88 15.23
N GLU A 245 -2.50 5.78 15.78
CA GLU A 245 -2.76 6.30 17.11
C GLU A 245 -3.44 5.26 18.01
N GLY A 246 -4.27 4.38 17.42
CA GLY A 246 -5.00 3.36 18.18
C GLY A 246 -6.40 3.84 18.57
N LYS A 247 -6.89 4.84 17.83
CA LYS A 247 -8.20 5.43 18.08
C LYS A 247 -8.87 5.70 16.73
N PRO A 248 -9.87 4.91 16.32
CA PRO A 248 -10.65 5.17 15.11
C PRO A 248 -11.38 6.52 15.15
N THR A 249 -11.23 7.32 14.09
CA THR A 249 -11.95 8.59 13.98
C THR A 249 -12.83 8.65 12.74
N ALA A 250 -12.79 7.64 11.87
CA ALA A 250 -13.39 7.76 10.55
C ALA A 250 -14.91 7.88 10.65
N LYS A 251 -15.55 7.09 11.52
CA LYS A 251 -17.01 7.09 11.53
C LYS A 251 -17.53 8.39 12.15
N GLN A 252 -16.83 8.91 13.17
CA GLN A 252 -17.14 10.20 13.73
C GLN A 252 -16.99 11.32 12.69
N THR A 253 -15.87 11.31 11.94
CA THR A 253 -15.61 12.32 10.94
C THR A 253 -16.73 12.32 9.89
N ILE A 254 -17.14 11.12 9.49
CA ILE A 254 -18.09 10.93 8.39
C ILE A 254 -19.50 11.29 8.85
N GLU A 255 -19.83 10.90 10.09
CA GLU A 255 -21.07 11.28 10.74
C GLU A 255 -21.05 12.78 10.97
N ASN A 256 -21.34 13.53 9.90
CA ASN A 256 -21.25 14.98 9.85
C ASN A 256 -22.36 15.42 8.91
N ALA A 257 -22.84 16.65 9.09
CA ALA A 257 -24.06 17.10 8.43
C ALA A 257 -23.90 17.07 6.90
N LEU A 258 -22.74 17.52 6.39
CA LEU A 258 -22.54 17.69 4.96
C LEU A 258 -22.35 16.35 4.25
N VAL A 259 -21.78 15.37 4.96
CA VAL A 259 -21.56 14.04 4.40
C VAL A 259 -22.80 13.17 4.54
N LYS A 260 -23.56 13.36 5.63
CA LYS A 260 -24.71 12.50 5.90
C LYS A 260 -25.78 12.63 4.83
N LYS A 261 -25.76 13.75 4.08
CA LYS A 261 -26.77 13.98 3.08
C LYS A 261 -26.31 13.51 1.70
N THR A 262 -25.07 12.98 1.59
CA THR A 262 -24.57 12.52 0.30
C THR A 262 -25.27 11.23 -0.11
N LYS A 263 -25.27 11.00 -1.42
CA LYS A 263 -25.71 9.76 -2.03
C LYS A 263 -25.02 8.61 -1.30
N ALA A 264 -23.69 8.76 -1.11
CA ALA A 264 -22.88 7.72 -0.52
C ALA A 264 -23.41 7.33 0.88
N TYR A 265 -23.77 8.32 1.71
CA TYR A 265 -24.26 8.01 3.06
C TYR A 265 -25.68 7.44 3.00
N GLN A 266 -26.53 8.06 2.17
CA GLN A 266 -27.95 7.72 2.13
C GLN A 266 -28.18 6.33 1.52
N ASN A 267 -27.23 5.88 0.70
CA ASN A 267 -27.35 4.66 -0.07
C ASN A 267 -26.49 3.56 0.54
N GLY A 268 -25.85 3.87 1.68
CA GLY A 268 -25.06 2.91 2.44
C GLY A 268 -23.76 2.54 1.74
N HIS A 269 -23.19 3.51 1.03
CA HIS A 269 -22.04 3.31 0.16
C HIS A 269 -20.83 4.09 0.67
N ILE A 270 -20.71 4.15 2.00
CA ILE A 270 -19.47 4.61 2.62
C ILE A 270 -18.67 3.35 2.94
N VAL A 271 -17.48 3.27 2.34
CA VAL A 271 -16.68 2.06 2.38
C VAL A 271 -15.42 2.35 3.17
N TYR A 272 -15.37 1.82 4.39
CA TYR A 272 -14.24 1.93 5.28
C TYR A 272 -13.17 0.90 4.92
N LEU A 273 -12.24 1.30 4.03
CA LEU A 273 -11.08 0.52 3.68
C LEU A 273 -10.18 0.31 4.88
N ASP A 274 -9.63 -0.90 4.99
CA ASP A 274 -8.83 -1.28 6.14
C ASP A 274 -7.47 -0.58 6.04
N PRO A 275 -7.17 0.37 6.96
CA PRO A 275 -5.96 1.17 6.85
C PRO A 275 -4.67 0.38 7.12
N ASN A 276 -4.78 -0.79 7.75
CA ASN A 276 -3.63 -1.64 7.95
C ASN A 276 -3.02 -2.05 6.60
N TYR A 277 -3.88 -2.18 5.57
CA TYR A 277 -3.40 -2.41 4.22
C TYR A 277 -3.14 -1.07 3.54
N TRP A 278 -4.18 -0.24 3.46
CA TRP A 278 -4.13 0.92 2.58
C TRP A 278 -3.12 1.97 3.06
N TYR A 279 -3.08 2.24 4.34
CA TYR A 279 -2.23 3.31 4.85
C TYR A 279 -0.82 2.81 5.11
N LEU A 280 -0.70 1.65 5.79
CA LEU A 280 0.57 1.15 6.25
C LEU A 280 1.28 0.30 5.19
N SER A 281 0.52 -0.26 4.23
CA SER A 281 1.07 -1.27 3.34
C SER A 281 0.65 -1.00 1.91
N GLY A 282 0.39 -2.06 1.13
CA GLY A 282 0.13 -1.92 -0.31
C GLY A 282 1.27 -2.43 -1.18
N GLY A 283 0.93 -2.89 -2.38
CA GLY A 283 1.93 -3.24 -3.37
C GLY A 283 2.50 -4.66 -3.20
N GLY A 284 1.84 -5.49 -2.37
CA GLY A 284 2.27 -6.87 -2.23
C GLY A 284 1.23 -7.85 -2.76
N LEU A 285 1.65 -9.11 -2.90
CA LEU A 285 0.71 -10.12 -3.41
C LEU A 285 -0.54 -10.25 -2.54
N THR A 286 -0.36 -10.21 -1.23
CA THR A 286 -1.49 -10.32 -0.32
C THR A 286 -2.23 -8.99 -0.21
N SER A 287 -1.48 -7.89 0.01
CA SER A 287 -2.18 -6.62 0.22
C SER A 287 -2.98 -6.22 -1.03
N VAL A 288 -2.42 -6.31 -2.23
CA VAL A 288 -3.16 -5.91 -3.41
C VAL A 288 -4.40 -6.80 -3.55
N SER A 289 -4.25 -8.12 -3.38
CA SER A 289 -5.42 -8.99 -3.42
C SER A 289 -6.51 -8.54 -2.43
N GLU A 290 -6.11 -8.30 -1.17
CA GLU A 290 -7.06 -7.97 -0.12
C GLU A 290 -7.70 -6.60 -0.32
N MET A 291 -6.87 -5.66 -0.82
CA MET A 291 -7.36 -4.31 -1.11
C MET A 291 -8.47 -4.37 -2.16
N ILE A 292 -8.31 -5.21 -3.19
CA ILE A 292 -9.33 -5.34 -4.22
C ILE A 292 -10.60 -5.97 -3.66
N LYS A 293 -10.43 -6.92 -2.75
CA LYS A 293 -11.58 -7.59 -2.11
C LYS A 293 -12.39 -6.60 -1.27
N GLN A 294 -11.69 -5.66 -0.63
CA GLN A 294 -12.32 -4.62 0.16
C GLN A 294 -13.07 -3.64 -0.74
N VAL A 295 -12.49 -3.26 -1.88
CA VAL A 295 -13.23 -2.44 -2.82
C VAL A 295 -14.48 -3.17 -3.30
N GLU A 296 -14.32 -4.42 -3.73
CA GLU A 296 -15.42 -5.17 -4.30
C GLU A 296 -16.59 -5.29 -3.31
N GLU A 297 -16.26 -5.51 -2.03
CA GLU A 297 -17.25 -5.65 -0.96
C GLU A 297 -18.03 -4.34 -0.88
N GLY A 298 -17.32 -3.21 -1.01
CA GLY A 298 -17.91 -1.88 -0.94
C GLY A 298 -18.82 -1.57 -2.11
N LEU A 299 -18.46 -2.06 -3.30
CA LEU A 299 -19.26 -1.85 -4.50
C LEU A 299 -20.50 -2.75 -4.53
N LYS A 300 -20.49 -3.87 -3.79
CA LYS A 300 -21.56 -4.86 -3.79
C LYS A 300 -22.74 -4.29 -3.00
#